data_6EW1
#
_entry.id   6EW1
#
_cell.length_a   60.721
_cell.length_b   60.721
_cell.length_c   163.178
_cell.angle_alpha   90.000
_cell.angle_beta   90.000
_cell.angle_gamma   120.000
#
_symmetry.space_group_name_H-M   'P 65'
#
loop_
_entity.id
_entity.type
_entity.pdbx_description
1 polymer Filamin-A
2 water water
#
_entity_poly.entity_id   1
_entity_poly.type   'polypeptide(L)'
_entity_poly.pdbx_seq_one_letter_code
;SMCNPSACRAVGRGLQPKGVRVKETADFKVYTKGAGSGELKVTVKGPKGEERVKQKDLGDGVYGFEYYPMVPGTYIVTIT
WGGQNIGRSPFEVKVGTECGNQKVRAWGPGLEGGVVGKSADFVVEAIGDDVGTLGFSVEGPSQAKIECDDKGDGSCDVRY
WQQEAGEYAVHVLCNSEDIRLSPFMADIRDAPQDFHPDRVKARGPGLEKTGVAVNKPAEFTVDAKHGGKAPLRVQVQDNE
GCPVEALVKDNGNGTYSCSYVPRKPVKHTAMVSWGGVSIPNSPFRVNVGAG
;
_entity_poly.pdbx_strand_id   A
#
# COMPACT_ATOMS: atom_id res chain seq x y z
N SER A 1 20.71 6.94 -30.82
CA SER A 1 20.24 7.94 -29.87
C SER A 1 20.24 7.48 -28.39
N MET A 2 19.68 6.32 -28.02
CA MET A 2 19.01 5.34 -28.88
C MET A 2 17.82 4.76 -28.13
N CYS A 3 16.71 4.51 -28.83
CA CYS A 3 15.49 4.05 -28.18
C CYS A 3 15.66 2.64 -27.61
N ASN A 4 15.18 2.45 -26.39
CA ASN A 4 15.25 1.16 -25.72
C ASN A 4 14.04 1.01 -24.80
N PRO A 5 12.94 0.46 -25.33
CA PRO A 5 11.73 0.33 -24.51
C PRO A 5 11.87 -0.62 -23.33
N SER A 6 12.83 -1.54 -23.37
CA SER A 6 12.99 -2.49 -22.28
C SER A 6 13.37 -1.82 -20.97
N ALA A 7 13.87 -0.58 -21.00
CA ALA A 7 14.17 0.15 -19.78
C ALA A 7 12.95 0.83 -19.18
N CYS A 8 11.80 0.73 -19.83
CA CYS A 8 10.58 1.36 -19.31
C CYS A 8 9.81 0.40 -18.41
N ARG A 9 9.14 0.97 -17.42
CA ARG A 9 8.30 0.22 -16.50
C ARG A 9 6.92 0.87 -16.43
N ALA A 10 5.88 0.05 -16.44
CA ALA A 10 4.50 0.52 -16.28
C ALA A 10 3.89 -0.18 -15.08
N VAL A 11 3.69 0.57 -13.99
CA VAL A 11 3.11 0.04 -12.76
C VAL A 11 1.93 0.91 -12.36
N GLY A 12 1.01 0.33 -11.61
CA GLY A 12 -0.12 1.05 -11.07
C GLY A 12 -1.37 0.18 -11.00
N ARG A 13 -2.31 0.60 -10.15
CA ARG A 13 -3.53 -0.16 -9.97
C ARG A 13 -4.42 -0.12 -11.20
N GLY A 14 -4.32 0.95 -12.00
CA GLY A 14 -5.09 1.04 -13.23
C GLY A 14 -4.68 0.05 -14.30
N LEU A 15 -3.60 -0.70 -14.10
CA LEU A 15 -3.15 -1.70 -15.06
C LEU A 15 -3.41 -3.13 -14.61
N GLN A 16 -3.96 -3.34 -13.41
CA GLN A 16 -4.20 -4.69 -12.91
C GLN A 16 -5.41 -5.32 -13.61
N PRO A 17 -5.35 -6.62 -13.88
CA PRO A 17 -6.47 -7.28 -14.59
C PRO A 17 -7.79 -7.22 -13.84
N LYS A 18 -7.78 -7.35 -12.52
CA LYS A 18 -9.02 -7.38 -11.75
C LYS A 18 -8.85 -6.51 -10.50
N GLY A 19 -9.98 -5.95 -10.04
CA GLY A 19 -10.01 -5.17 -8.81
C GLY A 19 -10.55 -3.76 -8.99
N VAL A 20 -10.21 -3.12 -10.11
CA VAL A 20 -10.70 -1.77 -10.38
C VAL A 20 -12.21 -1.80 -10.56
N ARG A 21 -12.89 -0.80 -10.00
CA ARG A 21 -14.34 -0.71 -10.06
C ARG A 21 -14.73 0.67 -10.59
N VAL A 22 -15.98 0.79 -11.02
CA VAL A 22 -16.47 2.04 -11.58
C VAL A 22 -16.47 3.12 -10.50
N LYS A 23 -16.35 4.38 -10.95
CA LYS A 23 -16.25 5.59 -10.14
C LYS A 23 -14.95 5.64 -9.35
N GLU A 24 -14.05 4.68 -9.55
CA GLU A 24 -12.71 4.78 -8.99
C GLU A 24 -11.77 5.44 -9.99
N THR A 25 -10.75 6.12 -9.47
CA THR A 25 -9.68 6.63 -10.30
C THR A 25 -8.69 5.50 -10.58
N ALA A 26 -8.47 5.20 -11.86
CA ALA A 26 -7.54 4.15 -12.27
C ALA A 26 -6.21 4.82 -12.61
N ASP A 27 -5.24 4.69 -11.70
CA ASP A 27 -3.99 5.41 -11.79
C ASP A 27 -2.84 4.46 -12.09
N PHE A 28 -1.82 4.99 -12.78
CA PHE A 28 -0.60 4.23 -13.03
C PHE A 28 0.50 5.19 -13.43
N LYS A 29 1.73 4.75 -13.27
CA LYS A 29 2.91 5.53 -13.61
C LYS A 29 3.75 4.78 -14.64
N VAL A 30 4.50 5.54 -15.42
CA VAL A 30 5.39 5.00 -16.43
C VAL A 30 6.77 5.60 -16.22
N TYR A 31 7.78 4.74 -16.07
CA TYR A 31 9.16 5.15 -15.90
C TYR A 31 9.87 5.04 -17.23
N THR A 32 10.52 6.13 -17.66
CA THR A 32 11.17 6.16 -18.96
C THR A 32 12.63 6.58 -18.93
N LYS A 33 13.16 7.01 -17.80
CA LYS A 33 14.53 7.49 -17.75
C LYS A 33 15.50 6.34 -17.99
N GLY A 34 16.52 6.59 -18.80
CA GLY A 34 17.46 5.57 -19.19
C GLY A 34 17.09 4.82 -20.45
N ALA A 35 15.85 4.96 -20.92
CA ALA A 35 15.37 4.29 -22.13
C ALA A 35 15.79 5.00 -23.40
N GLY A 36 16.75 5.91 -23.33
CA GLY A 36 17.23 6.60 -24.50
C GLY A 36 16.21 7.58 -25.07
N SER A 37 16.51 8.05 -26.27
CA SER A 37 15.64 8.98 -26.96
C SER A 37 14.44 8.23 -27.53
N GLY A 38 13.24 8.67 -27.18
CA GLY A 38 12.03 8.02 -27.65
C GLY A 38 10.80 8.88 -27.48
N GLU A 39 9.64 8.24 -27.36
CA GLU A 39 8.37 8.95 -27.27
C GLU A 39 7.35 8.04 -26.60
N LEU A 40 6.69 8.56 -25.57
CA LEU A 40 5.71 7.81 -24.79
C LEU A 40 4.31 8.10 -25.31
N LYS A 41 3.53 7.04 -25.56
CA LYS A 41 2.13 7.17 -25.93
C LYS A 41 1.31 6.26 -25.05
N VAL A 42 0.25 6.81 -24.47
CA VAL A 42 -0.65 6.08 -23.57
C VAL A 42 -2.05 6.20 -24.13
N THR A 43 -2.70 5.06 -24.39
CA THR A 43 -4.08 5.01 -24.82
C THR A 43 -4.84 4.06 -23.92
N VAL A 44 -6.09 4.41 -23.63
CA VAL A 44 -7.00 3.56 -22.86
C VAL A 44 -8.26 3.38 -23.67
N LYS A 45 -8.58 2.12 -24.00
CA LYS A 45 -9.75 1.77 -24.79
C LYS A 45 -10.73 1.01 -23.92
N GLY A 46 -11.96 1.51 -23.84
CA GLY A 46 -13.00 0.85 -23.06
C GLY A 46 -14.18 0.41 -23.88
N PRO A 47 -15.22 -0.12 -23.23
CA PRO A 47 -16.45 -0.48 -23.97
C PRO A 47 -17.12 0.71 -24.62
N LYS A 48 -16.81 1.93 -24.20
CA LYS A 48 -17.32 3.14 -24.81
C LYS A 48 -16.31 3.77 -25.77
N GLY A 49 -15.38 2.97 -26.29
CA GLY A 49 -14.34 3.49 -27.16
C GLY A 49 -13.22 4.18 -26.43
N GLU A 50 -12.78 5.33 -26.96
CA GLU A 50 -11.69 6.07 -26.35
C GLU A 50 -12.04 6.50 -24.93
N GLU A 51 -11.07 6.39 -24.03
CA GLU A 51 -11.21 6.86 -22.66
C GLU A 51 -10.35 8.10 -22.45
N ARG A 52 -10.88 9.06 -21.69
CA ARG A 52 -10.09 10.23 -21.32
C ARG A 52 -8.97 9.81 -20.37
N VAL A 53 -7.78 10.37 -20.60
CA VAL A 53 -6.60 10.03 -19.81
C VAL A 53 -5.90 11.33 -19.42
N LYS A 54 -5.75 11.56 -18.12
CA LYS A 54 -5.03 12.73 -17.61
C LYS A 54 -3.58 12.36 -17.35
N GLN A 55 -2.66 13.15 -17.89
CA GLN A 55 -1.23 12.94 -17.72
C GLN A 55 -0.65 14.00 -16.79
N LYS A 56 0.32 13.58 -15.98
CA LYS A 56 1.06 14.50 -15.12
C LYS A 56 2.53 14.13 -15.13
N ASP A 57 3.39 15.11 -15.40
CA ASP A 57 4.84 14.91 -15.39
C ASP A 57 5.32 14.87 -13.94
N LEU A 58 5.85 13.72 -13.53
CA LEU A 58 6.36 13.56 -12.17
C LEU A 58 7.87 13.75 -12.07
N GLY A 59 8.49 14.26 -13.12
CA GLY A 59 9.92 14.52 -13.10
C GLY A 59 10.77 13.27 -13.22
N ASP A 60 11.97 13.43 -13.76
CA ASP A 60 12.96 12.35 -13.90
C ASP A 60 12.40 11.19 -14.71
N GLY A 61 11.76 11.50 -15.82
CA GLY A 61 11.28 10.49 -16.73
C GLY A 61 10.08 9.69 -16.25
N VAL A 62 9.47 10.08 -15.12
CA VAL A 62 8.29 9.40 -14.59
C VAL A 62 7.06 10.21 -14.96
N TYR A 63 6.04 9.53 -15.47
CA TYR A 63 4.79 10.17 -15.87
C TYR A 63 3.62 9.44 -15.22
N GLY A 64 2.73 10.21 -14.57
CA GLY A 64 1.57 9.66 -13.92
C GLY A 64 0.34 9.80 -14.80
N PHE A 65 -0.55 8.81 -14.72
CA PHE A 65 -1.74 8.80 -15.57
C PHE A 65 -2.96 8.39 -14.75
N GLU A 66 -4.12 8.89 -15.18
CA GLU A 66 -5.40 8.57 -14.56
C GLU A 66 -6.47 8.50 -15.63
N TYR A 67 -7.15 7.36 -15.71
CA TYR A 67 -8.40 7.26 -16.45
C TYR A 67 -9.51 6.87 -15.47
N TYR A 68 -10.75 7.17 -15.86
CA TYR A 68 -11.89 7.11 -14.95
C TYR A 68 -12.95 6.20 -15.55
N PRO A 69 -12.91 4.90 -15.26
CA PRO A 69 -13.91 3.99 -15.82
C PRO A 69 -15.28 4.24 -15.20
N MET A 70 -16.29 4.23 -16.06
CA MET A 70 -17.66 4.49 -15.64
C MET A 70 -18.62 3.32 -15.85
N VAL A 71 -18.31 2.42 -16.76
CA VAL A 71 -19.15 1.26 -17.05
C VAL A 71 -18.31 0.01 -16.85
N PRO A 72 -18.83 -1.04 -16.22
CA PRO A 72 -18.07 -2.29 -16.10
C PRO A 72 -17.70 -2.84 -17.47
N GLY A 73 -16.66 -3.66 -17.50
CA GLY A 73 -16.23 -4.30 -18.72
C GLY A 73 -14.73 -4.29 -18.86
N THR A 74 -14.27 -4.58 -20.07
CA THR A 74 -12.84 -4.75 -20.36
C THR A 74 -12.26 -3.46 -20.92
N TYR A 75 -11.22 -2.96 -20.28
CA TYR A 75 -10.45 -1.82 -20.76
C TYR A 75 -9.05 -2.27 -21.16
N ILE A 76 -8.52 -1.68 -22.23
CA ILE A 76 -7.20 -2.00 -22.74
C ILE A 76 -6.33 -0.76 -22.64
N VAL A 77 -5.19 -0.89 -21.98
CA VAL A 77 -4.24 0.21 -21.80
C VAL A 77 -3.01 -0.12 -22.62
N THR A 78 -2.77 0.68 -23.66
CA THR A 78 -1.60 0.51 -24.52
C THR A 78 -0.59 1.59 -24.16
N ILE A 79 0.61 1.15 -23.81
CA ILE A 79 1.70 2.05 -23.41
C ILE A 79 2.90 1.70 -24.26
N THR A 80 3.38 2.66 -25.05
CA THR A 80 4.43 2.44 -26.03
C THR A 80 5.54 3.47 -25.88
N TRP A 81 6.78 3.02 -26.11
CA TRP A 81 7.96 3.88 -26.10
C TRP A 81 8.61 3.73 -27.47
N GLY A 82 8.47 4.77 -28.30
CA GLY A 82 8.99 4.72 -29.65
C GLY A 82 8.31 3.67 -30.51
N GLY A 83 7.00 3.47 -30.31
CA GLY A 83 6.24 2.53 -31.10
C GLY A 83 6.24 1.11 -30.59
N GLN A 84 7.03 0.78 -29.56
CA GLN A 84 7.12 -0.56 -29.02
C GLN A 84 6.44 -0.61 -27.66
N ASN A 85 5.68 -1.68 -27.43
CA ASN A 85 4.96 -1.81 -26.17
C ASN A 85 5.92 -1.84 -24.99
N ILE A 86 5.49 -1.24 -23.89
CA ILE A 86 6.31 -1.13 -22.68
C ILE A 86 5.94 -2.26 -21.74
N GLY A 87 6.95 -2.98 -21.25
CA GLY A 87 6.74 -4.05 -20.29
C GLY A 87 5.76 -5.10 -20.76
N ARG A 88 4.60 -5.17 -20.11
CA ARG A 88 3.56 -6.14 -20.46
C ARG A 88 2.41 -5.49 -21.23
N SER A 89 2.69 -4.42 -21.98
CA SER A 89 1.66 -3.75 -22.75
C SER A 89 1.32 -4.57 -24.00
N PRO A 90 0.04 -4.54 -24.43
CA PRO A 90 -1.07 -3.83 -23.79
C PRO A 90 -1.58 -4.51 -22.52
N PHE A 91 -2.13 -3.71 -21.61
CA PHE A 91 -2.67 -4.21 -20.35
C PHE A 91 -4.18 -4.37 -20.49
N GLU A 92 -4.67 -5.59 -20.28
CA GLU A 92 -6.10 -5.85 -20.25
C GLU A 92 -6.61 -5.68 -18.81
N VAL A 93 -7.59 -4.80 -18.64
CA VAL A 93 -8.06 -4.40 -17.32
C VAL A 93 -9.57 -4.61 -17.28
N LYS A 94 -10.02 -5.50 -16.38
CA LYS A 94 -11.45 -5.77 -16.21
C LYS A 94 -11.96 -4.93 -15.05
N VAL A 95 -12.87 -4.00 -15.35
CA VAL A 95 -13.41 -3.08 -14.36
C VAL A 95 -14.75 -3.62 -13.88
N GLY A 96 -14.92 -3.75 -12.57
CA GLY A 96 -16.13 -4.28 -11.99
C GLY A 96 -17.11 -3.19 -11.56
N THR A 97 -18.29 -3.65 -11.13
CA THR A 97 -19.31 -2.77 -10.61
C THR A 97 -18.92 -2.27 -9.21
N GLU A 98 -19.73 -1.35 -8.69
CA GLU A 98 -19.53 -0.88 -7.32
C GLU A 98 -19.55 -2.05 -6.35
N CYS A 99 -18.60 -2.07 -5.42
CA CYS A 99 -18.50 -3.17 -4.47
C CYS A 99 -19.73 -3.22 -3.58
N GLY A 100 -20.13 -4.44 -3.23
CA GLY A 100 -21.29 -4.67 -2.39
C GLY A 100 -20.99 -4.49 -0.92
N ASN A 101 -21.74 -5.21 -0.09
CA ASN A 101 -21.59 -5.13 1.35
C ASN A 101 -20.21 -5.64 1.79
N GLN A 102 -19.38 -4.76 2.31
CA GLN A 102 -18.02 -5.14 2.70
C GLN A 102 -18.06 -5.86 4.04
N LYS A 103 -17.62 -7.12 4.04
CA LYS A 103 -17.54 -7.90 5.27
C LYS A 103 -16.22 -7.73 5.99
N VAL A 104 -15.23 -7.07 5.38
CA VAL A 104 -13.88 -7.04 5.94
C VAL A 104 -13.16 -5.82 5.37
N ARG A 105 -12.20 -5.31 6.14
CA ARG A 105 -11.37 -4.19 5.72
C ARG A 105 -9.91 -4.56 5.93
N ALA A 106 -9.03 -3.83 5.26
CA ALA A 106 -7.60 -4.12 5.27
C ALA A 106 -6.80 -2.84 5.29
N TRP A 107 -5.79 -2.78 6.15
CA TRP A 107 -4.87 -1.64 6.19
C TRP A 107 -3.56 -2.10 6.79
N GLY A 108 -2.49 -1.37 6.48
CA GLY A 108 -1.18 -1.67 6.98
C GLY A 108 -0.08 -1.23 6.03
N PRO A 109 1.15 -1.15 6.54
CA PRO A 109 2.27 -0.70 5.69
C PRO A 109 2.53 -1.59 4.49
N GLY A 110 2.28 -2.90 4.61
CA GLY A 110 2.50 -3.81 3.50
C GLY A 110 1.55 -3.61 2.33
N LEU A 111 0.47 -2.84 2.51
CA LEU A 111 -0.42 -2.50 1.41
C LEU A 111 0.07 -1.28 0.64
N GLU A 112 0.96 -0.49 1.23
CA GLU A 112 1.47 0.73 0.62
C GLU A 112 2.91 0.62 0.14
N GLY A 113 3.76 -0.09 0.87
CA GLY A 113 5.15 -0.23 0.44
C GLY A 113 5.91 -1.15 1.37
N GLY A 114 7.22 -1.16 1.18
CA GLY A 114 8.09 -1.98 1.99
C GLY A 114 9.51 -1.92 1.47
N VAL A 115 10.35 -2.82 2.01
CA VAL A 115 11.77 -2.86 1.67
C VAL A 115 12.16 -4.28 1.30
N VAL A 116 13.02 -4.40 0.29
CA VAL A 116 13.58 -5.66 -0.18
C VAL A 116 14.09 -6.50 0.98
N GLY A 117 13.86 -7.81 0.93
CA GLY A 117 14.34 -8.70 1.97
C GLY A 117 13.76 -8.46 3.34
N LYS A 118 12.73 -7.62 3.45
CA LYS A 118 12.11 -7.30 4.72
C LYS A 118 10.64 -7.71 4.67
N SER A 119 10.08 -7.97 5.84
CA SER A 119 8.69 -8.39 5.93
C SER A 119 7.75 -7.21 5.68
N ALA A 120 6.83 -7.40 4.75
CA ALA A 120 5.77 -6.44 4.48
C ALA A 120 4.48 -7.00 5.05
N ASP A 121 3.90 -6.30 6.00
CA ASP A 121 2.74 -6.83 6.72
C ASP A 121 1.61 -5.81 6.74
N PHE A 122 0.41 -6.33 7.00
CA PHE A 122 -0.77 -5.53 7.20
C PHE A 122 -1.72 -6.34 8.06
N VAL A 123 -2.90 -5.79 8.32
CA VAL A 123 -3.91 -6.48 9.11
C VAL A 123 -5.23 -6.44 8.36
N VAL A 124 -6.01 -7.52 8.49
CA VAL A 124 -7.32 -7.66 7.87
C VAL A 124 -8.31 -7.95 8.99
N GLU A 125 -9.19 -7.00 9.28
CA GLU A 125 -10.12 -7.10 10.40
C GLU A 125 -11.56 -7.14 9.91
N ALA A 126 -12.39 -7.89 10.63
CA ALA A 126 -13.76 -8.14 10.21
C ALA A 126 -14.65 -6.93 10.47
N ILE A 127 -15.60 -6.71 9.56
CA ILE A 127 -16.68 -5.75 9.75
C ILE A 127 -17.95 -6.54 10.08
N GLY A 128 -18.56 -6.22 11.21
CA GLY A 128 -19.69 -7.03 11.62
C GLY A 128 -19.23 -8.40 12.11
N ASP A 129 -20.08 -9.40 11.89
CA ASP A 129 -19.80 -10.74 12.42
C ASP A 129 -20.17 -11.86 11.45
N ASP A 130 -20.41 -11.56 10.18
CA ASP A 130 -20.73 -12.60 9.21
C ASP A 130 -19.43 -13.17 8.67
N VAL A 131 -19.17 -14.43 9.00
CA VAL A 131 -17.90 -15.08 8.73
C VAL A 131 -17.88 -15.65 7.32
N GLY A 132 -16.73 -15.61 6.68
CA GLY A 132 -16.57 -16.14 5.33
C GLY A 132 -15.20 -16.73 5.11
N THR A 133 -14.71 -16.60 3.88
CA THR A 133 -13.40 -17.12 3.49
C THR A 133 -12.56 -15.98 2.93
N LEU A 134 -11.38 -15.76 3.53
CA LEU A 134 -10.45 -14.73 3.09
C LEU A 134 -9.39 -15.34 2.19
N GLY A 135 -9.12 -14.69 1.07
CA GLY A 135 -8.09 -15.12 0.14
C GLY A 135 -7.00 -14.07 0.01
N PHE A 136 -5.76 -14.53 -0.16
CA PHE A 136 -4.61 -13.66 -0.31
C PHE A 136 -3.75 -14.12 -1.48
N SER A 137 -3.31 -13.17 -2.28
CA SER A 137 -2.33 -13.42 -3.33
C SER A 137 -1.57 -12.14 -3.60
N VAL A 138 -0.30 -12.27 -4.00
CA VAL A 138 0.56 -11.13 -4.25
C VAL A 138 1.27 -11.37 -5.58
N GLU A 139 1.12 -10.42 -6.51
CA GLU A 139 1.78 -10.48 -7.81
C GLU A 139 2.76 -9.33 -7.95
N GLY A 140 3.91 -9.61 -8.56
CA GLY A 140 4.93 -8.62 -8.77
C GLY A 140 6.15 -9.20 -9.46
N PRO A 141 7.28 -8.48 -9.40
CA PRO A 141 8.49 -8.97 -10.07
C PRO A 141 9.02 -10.28 -9.51
N SER A 142 8.61 -10.65 -8.29
CA SER A 142 8.99 -11.92 -7.69
C SER A 142 7.78 -12.50 -6.98
N GLN A 143 7.83 -13.81 -6.72
CA GLN A 143 6.74 -14.49 -6.02
C GLN A 143 6.94 -14.32 -4.52
N ALA A 144 6.08 -13.50 -3.89
CA ALA A 144 6.19 -13.28 -2.46
C ALA A 144 5.66 -14.49 -1.70
N LYS A 145 6.25 -14.73 -0.53
CA LYS A 145 5.85 -15.82 0.35
C LYS A 145 4.86 -15.29 1.38
N ILE A 146 3.62 -15.75 1.31
CA ILE A 146 2.52 -15.21 2.10
C ILE A 146 2.39 -16.00 3.39
N GLU A 147 2.09 -15.30 4.48
CA GLU A 147 1.75 -15.92 5.76
C GLU A 147 0.66 -15.10 6.44
N CYS A 148 -0.36 -15.79 6.93
CA CYS A 148 -1.48 -15.16 7.63
C CYS A 148 -1.98 -16.12 8.70
N ASP A 149 -2.37 -15.57 9.85
CA ASP A 149 -2.78 -16.39 11.00
C ASP A 149 -4.12 -15.90 11.52
N ASP A 150 -5.15 -16.73 11.38
CA ASP A 150 -6.46 -16.46 11.97
C ASP A 150 -6.32 -16.26 13.48
N LYS A 151 -6.76 -15.12 13.98
CA LYS A 151 -6.62 -14.81 15.40
C LYS A 151 -7.94 -14.89 16.16
N GLY A 152 -9.07 -15.11 15.48
CA GLY A 152 -10.35 -15.22 16.16
C GLY A 152 -10.90 -13.87 16.60
N ASP A 153 -9.99 -12.96 16.95
CA ASP A 153 -10.29 -11.58 17.31
C ASP A 153 -11.09 -10.87 16.22
N GLY A 154 -11.13 -11.43 15.02
CA GLY A 154 -11.69 -10.81 13.86
C GLY A 154 -10.66 -10.10 13.01
N SER A 155 -9.55 -9.68 13.61
CA SER A 155 -8.41 -9.13 12.89
C SER A 155 -7.32 -10.19 12.82
N CYS A 156 -6.98 -10.62 11.61
CA CYS A 156 -5.86 -11.53 11.40
C CYS A 156 -4.73 -10.80 10.68
N ASP A 157 -3.51 -11.06 11.11
CA ASP A 157 -2.34 -10.39 10.55
C ASP A 157 -1.86 -11.13 9.31
N VAL A 158 -1.44 -10.37 8.30
CA VAL A 158 -0.96 -10.94 7.05
C VAL A 158 0.44 -10.41 6.78
N ARG A 159 1.32 -11.29 6.34
CA ARG A 159 2.70 -10.94 6.01
C ARG A 159 3.09 -11.61 4.71
N TYR A 160 3.93 -10.91 3.94
CA TYR A 160 4.52 -11.50 2.75
C TYR A 160 5.97 -11.02 2.64
N TRP A 161 6.82 -11.90 2.13
CA TRP A 161 8.25 -11.66 2.06
C TRP A 161 8.73 -11.85 0.64
N GLN A 162 9.57 -10.94 0.17
CA GLN A 162 10.18 -11.01 -1.15
C GLN A 162 11.62 -10.53 -1.06
N GLN A 163 12.36 -10.69 -2.15
CA GLN A 163 13.72 -10.16 -2.25
C GLN A 163 13.95 -9.59 -3.65
N GLU A 164 13.04 -8.70 -4.07
CA GLU A 164 13.19 -8.00 -5.34
C GLU A 164 12.44 -6.68 -5.25
N ALA A 165 13.11 -5.59 -5.63
CA ALA A 165 12.50 -4.28 -5.61
C ALA A 165 11.49 -4.14 -6.75
N GLY A 166 10.44 -3.36 -6.50
CA GLY A 166 9.42 -3.12 -7.48
C GLY A 166 8.06 -2.95 -6.82
N GLU A 167 7.03 -2.87 -7.66
CA GLU A 167 5.67 -2.69 -7.18
C GLU A 167 4.94 -4.02 -7.23
N TYR A 168 4.24 -4.35 -6.14
CA TYR A 168 3.52 -5.60 -6.04
C TYR A 168 2.02 -5.33 -5.89
N ALA A 169 1.22 -6.27 -6.38
CA ALA A 169 -0.24 -6.21 -6.29
C ALA A 169 -0.70 -7.17 -5.20
N VAL A 170 -1.20 -6.62 -4.10
CA VAL A 170 -1.65 -7.42 -2.96
C VAL A 170 -3.17 -7.53 -3.03
N HIS A 171 -3.66 -8.76 -3.17
CA HIS A 171 -5.08 -9.02 -3.30
C HIS A 171 -5.61 -9.58 -1.99
N VAL A 172 -6.60 -8.90 -1.41
CA VAL A 172 -7.38 -9.41 -0.29
C VAL A 172 -8.77 -9.72 -0.82
N LEU A 173 -9.17 -10.99 -0.74
CA LEU A 173 -10.43 -11.45 -1.30
C LEU A 173 -11.33 -11.95 -0.18
N CYS A 174 -12.58 -11.49 -0.19
CA CYS A 174 -13.60 -11.99 0.72
C CYS A 174 -14.63 -12.73 -0.13
N ASN A 175 -14.70 -14.05 0.05
CA ASN A 175 -15.55 -14.92 -0.76
C ASN A 175 -15.20 -14.80 -2.23
N SER A 176 -13.89 -14.79 -2.53
CA SER A 176 -13.35 -14.87 -3.89
C SER A 176 -13.66 -13.61 -4.71
N GLU A 177 -13.82 -12.46 -4.06
CA GLU A 177 -13.95 -11.20 -4.76
C GLU A 177 -13.07 -10.16 -4.08
N ASP A 178 -12.37 -9.36 -4.88
CA ASP A 178 -11.54 -8.29 -4.33
C ASP A 178 -12.37 -7.36 -3.47
N ILE A 179 -11.94 -7.18 -2.22
CA ILE A 179 -12.58 -6.22 -1.34
C ILE A 179 -12.34 -4.83 -1.93
N ARG A 180 -13.05 -3.83 -1.41
CA ARG A 180 -12.87 -2.48 -1.92
C ARG A 180 -11.42 -2.06 -1.80
N LEU A 181 -10.94 -1.34 -2.83
CA LEU A 181 -9.58 -0.81 -2.94
C LEU A 181 -8.55 -1.89 -3.24
N SER A 182 -8.95 -3.14 -3.19
CA SER A 182 -8.05 -4.21 -3.62
C SER A 182 -8.05 -4.29 -5.14
N PRO A 183 -6.88 -4.53 -5.76
CA PRO A 183 -5.57 -4.80 -5.17
C PRO A 183 -4.86 -3.56 -4.64
N PHE A 184 -4.05 -3.75 -3.60
CA PHE A 184 -3.31 -2.66 -3.00
C PHE A 184 -1.91 -2.63 -3.59
N MET A 185 -1.48 -1.45 -4.02
CA MET A 185 -0.21 -1.29 -4.73
C MET A 185 0.88 -0.94 -3.70
N ALA A 186 1.80 -1.88 -3.49
CA ALA A 186 2.88 -1.73 -2.53
C ALA A 186 4.18 -1.46 -3.27
N ASP A 187 4.88 -0.40 -2.90
CA ASP A 187 6.12 0.00 -3.53
C ASP A 187 7.27 -0.51 -2.65
N ILE A 188 7.90 -1.60 -3.09
CA ILE A 188 9.01 -2.20 -2.35
C ILE A 188 10.30 -1.52 -2.80
N ARG A 189 11.05 -1.00 -1.83
CA ARG A 189 12.27 -0.25 -2.09
C ARG A 189 13.51 -1.11 -1.82
N ASP A 190 14.61 -0.72 -2.46
CA ASP A 190 15.90 -1.32 -2.13
C ASP A 190 16.38 -0.78 -0.78
N ALA A 191 17.03 -1.63 -0.01
CA ALA A 191 17.37 -1.29 1.36
C ALA A 191 18.52 -0.28 1.40
N PRO A 192 18.38 0.82 2.13
CA PRO A 192 19.55 1.66 2.40
C PRO A 192 20.55 0.91 3.26
N GLN A 193 21.81 1.33 3.17
CA GLN A 193 22.89 0.58 3.82
C GLN A 193 22.82 0.71 5.33
N ASP A 194 22.80 1.93 5.85
CA ASP A 194 22.80 2.19 7.28
C ASP A 194 21.45 1.91 7.93
N PHE A 195 20.43 1.56 7.15
CA PHE A 195 19.04 1.54 7.61
C PHE A 195 18.70 0.21 8.25
N HIS A 196 18.46 0.21 9.55
CA HIS A 196 18.05 -0.98 10.30
C HIS A 196 16.65 -0.77 10.85
N PRO A 197 15.60 -1.20 10.16
CA PRO A 197 14.26 -1.12 10.76
C PRO A 197 14.13 -1.98 12.00
N ASP A 198 14.72 -3.17 12.00
CA ASP A 198 14.96 -3.88 13.25
C ASP A 198 15.89 -3.04 14.13
N ARG A 199 15.65 -3.08 15.45
CA ARG A 199 16.30 -2.30 16.50
C ARG A 199 15.68 -0.91 16.67
N VAL A 200 14.65 -0.56 15.90
CA VAL A 200 13.96 0.73 16.06
C VAL A 200 12.89 0.49 17.12
N LYS A 201 13.21 0.81 18.36
CA LYS A 201 12.31 0.56 19.47
C LYS A 201 11.39 1.76 19.70
N ALA A 202 10.12 1.46 19.96
CA ALA A 202 9.11 2.47 20.26
C ALA A 202 8.44 2.09 21.58
N ARG A 203 8.94 2.68 22.67
CA ARG A 203 8.31 2.52 23.98
C ARG A 203 7.47 3.75 24.30
N GLY A 204 6.66 3.64 25.35
CA GLY A 204 5.88 4.76 25.80
C GLY A 204 4.52 4.37 26.35
N PRO A 205 3.88 5.28 27.08
CA PRO A 205 2.53 4.99 27.58
C PRO A 205 1.51 4.72 26.49
N GLY A 206 1.56 5.48 25.40
CA GLY A 206 0.58 5.34 24.32
C GLY A 206 0.63 4.03 23.56
N LEU A 207 1.69 3.24 23.75
CA LEU A 207 1.82 1.96 23.05
C LEU A 207 1.71 0.76 23.96
N GLU A 208 1.67 0.95 25.28
CA GLU A 208 1.53 -0.17 26.19
C GLU A 208 0.23 -0.93 25.93
N LYS A 209 0.22 -2.21 26.30
CA LYS A 209 -0.98 -3.02 26.17
C LYS A 209 -2.14 -2.38 26.94
N THR A 210 -1.87 -1.94 28.16
CA THR A 210 -2.85 -1.26 29.00
C THR A 210 -2.29 0.08 29.43
N GLY A 211 -3.17 0.93 29.96
CA GLY A 211 -2.77 2.19 30.55
C GLY A 211 -3.05 3.44 29.74
N VAL A 212 -3.73 3.33 28.61
CA VAL A 212 -4.10 4.48 27.80
C VAL A 212 -5.56 4.83 28.07
N ALA A 213 -5.82 6.10 28.33
CA ALA A 213 -7.17 6.59 28.62
C ALA A 213 -7.70 7.41 27.47
N VAL A 214 -9.02 7.50 27.39
CA VAL A 214 -9.69 8.27 26.34
C VAL A 214 -9.52 9.76 26.64
N ASN A 215 -9.34 10.55 25.58
CA ASN A 215 -9.12 12.00 25.65
C ASN A 215 -7.85 12.35 26.43
N LYS A 216 -6.97 11.40 26.64
CA LYS A 216 -5.68 11.67 27.23
C LYS A 216 -4.61 11.69 26.13
N PRO A 217 -3.66 12.63 26.19
CA PRO A 217 -2.60 12.65 25.17
C PRO A 217 -1.64 11.49 25.35
N ALA A 218 -2.01 10.32 24.83
CA ALA A 218 -1.18 9.13 24.96
C ALA A 218 0.07 9.27 24.10
N GLU A 219 1.21 9.45 24.75
CA GLU A 219 2.48 9.69 24.08
C GLU A 219 3.26 8.40 23.94
N PHE A 220 4.22 8.42 23.02
CA PHE A 220 5.24 7.38 22.95
C PHE A 220 6.43 7.92 22.17
N THR A 221 7.57 7.28 22.37
CA THR A 221 8.83 7.71 21.78
C THR A 221 9.28 6.69 20.76
N VAL A 222 9.94 7.17 19.70
CA VAL A 222 10.49 6.30 18.67
C VAL A 222 11.98 6.63 18.57
N ASP A 223 12.77 5.98 19.40
CA ASP A 223 14.22 6.12 19.34
C ASP A 223 14.75 5.28 18.18
N ALA A 224 15.45 5.94 17.25
CA ALA A 224 15.93 5.27 16.06
C ALA A 224 17.30 5.82 15.66
N LYS A 225 18.24 5.84 16.61
CA LYS A 225 19.55 6.41 16.33
C LYS A 225 20.37 5.47 15.44
N HIS A 226 20.35 4.18 15.73
CA HIS A 226 21.09 3.19 14.94
C HIS A 226 20.17 2.46 13.96
N GLY A 227 19.29 3.20 13.29
CA GLY A 227 18.41 2.61 12.32
C GLY A 227 18.55 3.25 10.96
N GLY A 228 19.67 3.94 10.73
CA GLY A 228 19.83 4.69 9.51
C GLY A 228 18.87 5.87 9.46
N LYS A 229 18.82 6.51 8.29
CA LYS A 229 17.87 7.57 8.03
C LYS A 229 16.82 7.06 7.05
N ALA A 230 15.55 7.17 7.45
CA ALA A 230 14.44 6.70 6.64
C ALA A 230 13.17 7.32 7.21
N PRO A 231 12.14 7.52 6.38
CA PRO A 231 10.94 8.21 6.88
C PRO A 231 10.23 7.39 7.94
N LEU A 232 9.75 8.08 8.96
CA LEU A 232 8.92 7.50 10.00
C LEU A 232 7.45 7.77 9.67
N ARG A 233 6.62 6.74 9.80
CA ARG A 233 5.19 6.86 9.54
C ARG A 233 4.42 6.31 10.74
N VAL A 234 3.55 7.13 11.31
CA VAL A 234 2.68 6.74 12.41
C VAL A 234 1.23 6.85 11.92
N GLN A 235 0.47 5.77 12.12
CA GLN A 235 -0.93 5.75 11.71
C GLN A 235 -1.74 5.04 12.80
N VAL A 236 -2.86 5.63 13.19
CA VAL A 236 -3.70 5.12 14.26
C VAL A 236 -5.16 5.14 13.80
N GLN A 237 -5.91 4.11 14.20
CA GLN A 237 -7.35 4.08 13.98
C GLN A 237 -7.99 3.18 15.04
N ASP A 238 -9.29 3.34 15.20
CA ASP A 238 -10.02 2.63 16.25
C ASP A 238 -10.45 1.25 15.74
N ASN A 239 -11.44 0.63 16.41
CA ASN A 239 -11.93 -0.66 15.98
C ASN A 239 -12.69 -0.58 14.65
N GLU A 240 -13.32 0.55 14.37
CA GLU A 240 -13.83 0.80 13.03
C GLU A 240 -12.68 1.27 12.15
N GLY A 241 -12.96 1.48 10.87
CA GLY A 241 -11.91 1.91 9.95
C GLY A 241 -11.59 3.39 10.03
N CYS A 242 -12.00 4.05 11.11
CA CYS A 242 -11.88 5.50 11.21
C CYS A 242 -10.53 5.88 11.79
N PRO A 243 -9.70 6.64 11.08
CA PRO A 243 -8.43 7.09 11.65
C PRO A 243 -8.63 8.15 12.71
N VAL A 244 -7.70 8.17 13.66
CA VAL A 244 -7.62 9.22 14.67
C VAL A 244 -6.28 9.92 14.50
N GLU A 245 -6.21 11.17 14.97
CA GLU A 245 -5.09 12.03 14.63
C GLU A 245 -3.84 11.69 15.42
N ALA A 246 -2.71 11.71 14.74
CA ALA A 246 -1.40 11.53 15.35
C ALA A 246 -0.55 12.78 15.14
N LEU A 247 0.33 13.05 16.11
CA LEU A 247 1.27 14.15 16.02
C LEU A 247 2.67 13.63 16.24
N VAL A 248 3.58 13.91 15.30
CA VAL A 248 4.94 13.40 15.35
C VAL A 248 5.89 14.59 15.37
N LYS A 249 6.57 14.77 16.50
CA LYS A 249 7.59 15.80 16.64
C LYS A 249 8.96 15.17 16.46
N ASP A 250 9.68 15.61 15.42
CA ASP A 250 11.08 15.23 15.26
C ASP A 250 11.91 16.00 16.28
N ASN A 251 12.47 15.28 17.26
CA ASN A 251 13.26 15.93 18.30
C ASN A 251 14.68 16.27 17.86
N GLY A 252 15.08 15.87 16.64
CA GLY A 252 16.31 16.35 16.05
C GLY A 252 17.51 15.45 16.20
N ASN A 253 17.50 14.54 17.19
CA ASN A 253 18.64 13.65 17.40
C ASN A 253 18.47 12.29 16.73
N GLY A 254 17.26 11.96 16.29
CA GLY A 254 16.93 10.62 15.85
C GLY A 254 15.76 10.01 16.61
N THR A 255 15.28 10.67 17.66
CA THR A 255 14.09 10.26 18.39
C THR A 255 12.90 11.14 18.00
N TYR A 256 11.70 10.62 18.27
CA TYR A 256 10.47 11.28 17.89
C TYR A 256 9.49 11.22 19.04
N SER A 257 8.88 12.36 19.36
CA SER A 257 7.85 12.43 20.40
C SER A 257 6.49 12.38 19.69
N CYS A 258 5.86 11.21 19.73
CA CYS A 258 4.62 10.98 19.02
C CYS A 258 3.44 11.09 19.97
N SER A 259 2.34 11.67 19.48
CA SER A 259 1.14 11.88 20.28
C SER A 259 -0.10 11.56 19.46
N TYR A 260 -1.05 10.90 20.10
CA TYR A 260 -2.38 10.72 19.55
C TYR A 260 -3.38 10.71 20.70
N VAL A 261 -4.58 11.22 20.45
CA VAL A 261 -5.63 11.26 21.45
C VAL A 261 -6.75 10.33 21.01
N PRO A 262 -7.06 9.29 21.79
CA PRO A 262 -8.23 8.47 21.47
C PRO A 262 -9.51 9.18 21.87
N ARG A 263 -10.59 8.84 21.16
CA ARG A 263 -11.91 9.41 21.45
C ARG A 263 -12.96 8.33 21.68
N LYS A 264 -12.53 7.11 21.96
CA LYS A 264 -13.41 5.99 22.31
C LYS A 264 -12.60 5.00 23.14
N PRO A 265 -13.13 4.48 24.27
CA PRO A 265 -12.39 3.46 25.03
C PRO A 265 -12.36 2.12 24.30
N VAL A 266 -12.65 2.17 23.01
CA VAL A 266 -12.63 1.00 22.14
C VAL A 266 -11.21 0.75 21.68
N LYS A 267 -10.90 -0.50 21.33
CA LYS A 267 -9.52 -0.89 21.06
C LYS A 267 -9.01 -0.20 19.79
N HIS A 268 -7.89 0.50 19.92
CA HIS A 268 -7.24 1.16 18.80
C HIS A 268 -6.07 0.31 18.32
N THR A 269 -5.61 0.61 17.10
CA THR A 269 -4.44 -0.04 16.52
C THR A 269 -3.51 1.06 16.02
N ALA A 270 -2.28 1.06 16.53
CA ALA A 270 -1.27 2.05 16.16
C ALA A 270 -0.16 1.35 15.41
N MET A 271 0.08 1.76 14.17
CA MET A 271 1.10 1.17 13.33
C MET A 271 2.25 2.16 13.16
N VAL A 272 3.47 1.70 13.45
CA VAL A 272 4.66 2.51 13.34
C VAL A 272 5.61 1.80 12.38
N SER A 273 5.82 2.40 11.22
CA SER A 273 6.78 1.91 10.25
C SER A 273 7.97 2.86 10.17
N TRP A 274 9.15 2.28 9.92
CA TRP A 274 10.38 3.03 9.73
C TRP A 274 10.94 2.64 8.37
N GLY A 275 10.93 3.59 7.44
CA GLY A 275 11.32 3.29 6.08
C GLY A 275 10.36 2.34 5.40
N GLY A 276 9.06 2.51 5.63
CA GLY A 276 8.07 1.66 5.03
C GLY A 276 8.00 0.24 5.56
N VAL A 277 8.70 -0.04 6.65
CA VAL A 277 8.76 -1.38 7.24
C VAL A 277 8.30 -1.30 8.68
N SER A 278 7.37 -2.19 9.05
CA SER A 278 6.90 -2.25 10.43
C SER A 278 8.06 -2.50 11.38
N ILE A 279 8.19 -1.64 12.39
CA ILE A 279 9.20 -1.82 13.42
C ILE A 279 8.76 -2.97 14.31
N PRO A 280 9.66 -3.56 15.12
CA PRO A 280 9.24 -4.58 16.09
C PRO A 280 8.02 -4.17 16.91
N ASN A 281 7.16 -5.15 17.18
CA ASN A 281 5.95 -5.02 18.00
C ASN A 281 4.81 -4.32 17.26
N SER A 282 5.11 -3.60 16.20
CA SER A 282 4.00 -3.05 15.42
C SER A 282 3.44 -4.14 14.51
N PRO A 283 2.10 -4.26 14.42
CA PRO A 283 1.04 -3.40 14.93
C PRO A 283 0.87 -3.40 16.45
N PHE A 284 0.81 -2.20 17.03
CA PHE A 284 0.55 -2.06 18.46
C PHE A 284 -0.95 -2.04 18.69
N ARG A 285 -1.47 -3.06 19.36
CA ARG A 285 -2.88 -3.08 19.78
C ARG A 285 -2.94 -2.54 21.21
N VAL A 286 -3.56 -1.37 21.36
CA VAL A 286 -3.56 -0.64 22.61
C VAL A 286 -4.97 -0.71 23.20
N ASN A 287 -5.08 -1.27 24.40
CA ASN A 287 -6.33 -1.24 25.14
C ASN A 287 -6.49 0.16 25.74
N VAL A 288 -7.19 1.03 25.03
CA VAL A 288 -7.35 2.41 25.49
C VAL A 288 -8.60 2.53 26.36
#